data_4NGU
#
_entry.id   4NGU
#
_cell.length_a   91.607
_cell.length_b   91.607
_cell.length_c   129.027
_cell.angle_alpha   90.000
_cell.angle_beta   90.000
_cell.angle_gamma   90.000
#
_symmetry.space_group_name_H-M   'P 41 21 2'
#
loop_
_entity.id
_entity.type
_entity.pdbx_description
1 polymer 'TRAP dicarboxylate transporter, DctP subunit'
2 non-polymer 'CHLORIDE ION'
3 non-polymer D-ALANINE
4 non-polymer 'SULFATE ION'
5 water water
#
_entity_poly.entity_id   1
_entity_poly.type   'polypeptide(L)'
_entity_poly.pdbx_seq_one_letter_code
;S(MSE)AAA(MSE)TVK(MSE)SYNGPPSLEDNAVHAFATTFKELVEKESGGGIVIDLYPNSQLGNEQQR(MSE)EQV
(MSE)TGP(MSE)INVASFGG(MSE)ETVFPE(MSE)FATNVPF(MSE)FESYAAAHEFFDNSSF(MSE)DKAGKELRSR
TGIELLAVVEEGGFIAFTSKKPVRSPADFKG(MSE)KFRA(MSE)DASQVA(MSE)YEAFGASGTPIPWTEVYLALKTGV
ADGQ(MSE)NPPTYIIIGSLYEVQDHLTLANVQYSDQFLLINGELLDSLPDSQRQVIRKAAHEANVKTRQFVESQVDERV
KFLASKG(MSE)TVYTPTAEELAQFKELGSPSYIKWLSGQIDTAWIDHA(MSE)EDARKANEAVK
;
_entity_poly.pdbx_strand_id   A
#
# COMPACT_ATOMS: atom_id res chain seq x y z
N ALA A 3 18.45 4.65 33.21
CA ALA A 3 18.26 5.18 31.87
C ALA A 3 16.79 5.19 31.44
N ALA A 4 16.38 6.25 30.75
CA ALA A 4 14.99 6.39 30.34
C ALA A 4 14.61 5.33 29.30
N ALA A 5 13.32 5.02 29.22
CA ALA A 5 12.81 4.14 28.19
C ALA A 5 12.91 4.83 26.83
N THR A 7 11.57 6.14 23.67
CA THR A 7 10.33 6.58 23.03
C THR A 7 10.56 6.82 21.54
N VAL A 8 9.78 6.13 20.72
CA VAL A 8 9.92 6.20 19.29
C VAL A 8 8.63 6.61 18.63
N LYS A 9 8.65 7.74 17.92
CA LYS A 9 7.47 8.22 17.18
C LYS A 9 7.14 7.37 15.94
N SER A 11 4.54 7.28 12.51
CA SER A 11 3.72 8.10 11.63
C SER A 11 3.02 7.24 10.60
N TYR A 12 1.76 7.54 10.31
CA TYR A 12 1.03 6.77 9.29
C TYR A 12 -0.25 7.49 8.88
N ASN A 13 -0.84 7.05 7.77
CA ASN A 13 -2.03 7.71 7.26
C ASN A 13 -3.38 7.26 7.84
N GLY A 14 -4.35 8.17 7.82
CA GLY A 14 -5.72 7.86 8.17
C GLY A 14 -6.05 7.98 9.63
N PRO A 15 -7.35 7.97 9.95
CA PRO A 15 -7.91 8.18 11.30
C PRO A 15 -7.60 7.02 12.23
N PRO A 16 -7.52 7.30 13.55
CA PRO A 16 -7.34 6.24 14.55
C PRO A 16 -8.63 5.48 14.84
N SER A 17 -9.16 4.73 13.86
CA SER A 17 -10.29 3.87 14.12
C SER A 17 -9.84 2.43 13.90
N LEU A 18 -9.99 1.62 14.95
CA LEU A 18 -9.55 0.23 14.93
C LEU A 18 -10.46 -0.57 14.03
N GLU A 19 -11.59 0.02 13.66
CA GLU A 19 -12.63 -0.68 12.94
C GLU A 19 -12.54 -0.44 11.42
N ASP A 20 -11.80 0.58 11.01
CA ASP A 20 -11.80 0.90 9.60
C ASP A 20 -10.43 1.09 8.94
N ASN A 21 -9.45 1.48 9.73
CA ASN A 21 -8.13 1.76 9.19
C ASN A 21 -7.22 0.61 9.55
N ALA A 22 -6.95 -0.22 8.55
CA ALA A 22 -6.06 -1.36 8.69
C ALA A 22 -4.66 -0.96 9.19
N VAL A 23 -4.18 0.22 8.78
CA VAL A 23 -2.88 0.70 9.24
C VAL A 23 -2.93 1.10 10.73
N HIS A 24 -4.00 1.76 11.16
CA HIS A 24 -4.16 2.03 12.60
C HIS A 24 -4.25 0.75 13.45
N ALA A 25 -4.95 -0.26 12.93
CA ALA A 25 -4.98 -1.57 13.57
C ALA A 25 -3.58 -2.16 13.65
N PHE A 26 -2.78 -2.01 12.58
CA PHE A 26 -1.41 -2.51 12.58
C PHE A 26 -0.57 -1.81 13.64
N ALA A 27 -0.61 -0.48 13.63
CA ALA A 27 0.16 0.33 14.57
C ALA A 27 -0.21 0.00 16.02
N THR A 28 -1.49 -0.06 16.28
CA THR A 28 -2.00 -0.37 17.62
C THR A 28 -1.48 -1.72 18.12
N THR A 29 -1.59 -2.75 17.30
CA THR A 29 -1.06 -4.06 17.65
C THR A 29 0.47 -4.03 17.79
N PHE A 30 1.12 -3.33 16.86
CA PHE A 30 2.56 -3.23 16.89
C PHE A 30 3.05 -2.52 18.16
N LYS A 31 2.39 -1.43 18.52
CA LYS A 31 2.72 -0.71 19.75
C LYS A 31 2.60 -1.63 20.95
N GLU A 32 1.49 -2.37 21.03
CA GLU A 32 1.24 -3.21 22.18
C GLU A 32 2.28 -4.33 22.29
N LEU A 33 2.61 -4.95 21.16
CA LEU A 33 3.58 -6.05 21.16
C LEU A 33 4.98 -5.60 21.50
N VAL A 34 5.40 -4.47 20.93
CA VAL A 34 6.73 -3.94 21.18
C VAL A 34 6.87 -3.57 22.66
N GLU A 35 5.84 -2.96 23.22
CA GLU A 35 5.89 -2.57 24.62
C GLU A 35 5.83 -3.78 25.55
N LYS A 36 4.94 -4.71 25.25
CA LYS A 36 4.87 -5.94 26.04
C LYS A 36 6.17 -6.74 25.93
N GLU A 37 6.65 -6.96 24.71
CA GLU A 37 7.85 -7.79 24.52
C GLU A 37 9.15 -7.15 25.02
N SER A 38 9.24 -5.83 24.96
CA SER A 38 10.44 -5.14 25.43
C SER A 38 10.35 -4.77 26.91
N GLY A 39 9.26 -5.20 27.53
CA GLY A 39 9.05 -4.98 28.96
C GLY A 39 9.05 -3.53 29.36
N GLY A 40 8.59 -2.67 28.46
CA GLY A 40 8.51 -1.24 28.71
C GLY A 40 9.72 -0.45 28.25
N GLY A 41 10.76 -1.17 27.84
CA GLY A 41 11.99 -0.56 27.38
C GLY A 41 11.81 0.27 26.11
N ILE A 42 10.84 -0.11 25.27
CA ILE A 42 10.53 0.69 24.10
C ILE A 42 9.08 1.18 24.15
N VAL A 43 8.89 2.47 23.91
CA VAL A 43 7.56 3.05 23.90
C VAL A 43 7.28 3.65 22.51
N ILE A 44 6.14 3.26 21.91
CA ILE A 44 5.76 3.72 20.57
C ILE A 44 4.64 4.74 20.67
N ASP A 45 4.92 6.00 20.33
CA ASP A 45 3.88 7.02 20.26
C ASP A 45 3.29 7.10 18.86
N LEU A 46 1.97 7.12 18.75
CA LEU A 46 1.31 6.97 17.47
C LEU A 46 0.90 8.30 16.89
N TYR A 47 1.18 8.51 15.60
CA TYR A 47 0.84 9.75 14.93
C TYR A 47 0.00 9.52 13.68
N PRO A 48 -1.29 9.27 13.87
CA PRO A 48 -2.24 8.97 12.78
C PRO A 48 -2.47 10.17 11.87
N ASN A 49 -3.27 9.99 10.84
CA ASN A 49 -3.71 11.07 9.96
C ASN A 49 -2.67 11.82 9.10
N SER A 50 -1.49 11.23 8.90
CA SER A 50 -0.39 11.92 8.18
C SER A 50 -0.11 13.26 8.83
N GLN A 51 -0.34 13.28 10.13
CA GLN A 51 -0.17 14.42 11.03
C GLN A 51 1.13 15.18 10.85
N LEU A 52 2.22 14.43 10.71
CA LEU A 52 3.57 14.98 10.69
C LEU A 52 4.03 15.31 9.26
N GLY A 53 3.16 15.11 8.27
CA GLY A 53 3.48 15.48 6.90
C GLY A 53 2.95 14.60 5.79
N ASN A 54 3.02 15.10 4.56
CA ASN A 54 2.69 14.30 3.39
C ASN A 54 3.73 13.18 3.17
N GLU A 55 3.48 12.30 2.21
CA GLU A 55 4.37 11.16 1.96
C GLU A 55 5.86 11.49 1.83
N GLN A 56 6.20 12.44 0.96
CA GLN A 56 7.60 12.82 0.77
C GLN A 56 8.24 13.38 2.05
N GLN A 57 7.48 14.18 2.79
CA GLN A 57 7.94 14.77 4.04
C GLN A 57 8.29 13.72 5.09
N ARG A 58 7.39 12.77 5.29
CA ARG A 58 7.63 11.71 6.28
C ARG A 58 8.80 10.84 5.87
N GLU A 60 11.53 11.98 4.28
CA GLU A 60 12.63 12.79 4.76
C GLU A 60 12.85 12.58 6.25
N GLN A 61 11.77 12.66 7.03
CA GLN A 61 11.89 12.55 8.47
C GLN A 61 12.44 11.22 8.88
N VAL A 62 11.97 10.15 8.27
CA VAL A 62 12.41 8.84 8.72
C VAL A 62 13.87 8.58 8.36
N THR A 64 16.25 11.00 8.47
CA THR A 64 17.15 11.91 9.17
C THR A 64 17.07 11.77 10.67
N GLY A 65 15.98 11.18 11.16
CA GLY A 65 15.73 11.15 12.58
C GLY A 65 15.26 9.79 13.09
N PRO A 66 15.46 9.54 14.38
CA PRO A 66 15.12 8.24 14.98
C PRO A 66 13.61 8.02 15.08
N ILE A 68 9.75 5.86 13.20
CA ILE A 68 9.07 4.89 12.36
C ILE A 68 8.05 5.60 11.47
N ASN A 69 7.94 5.15 10.22
CA ASN A 69 7.00 5.72 9.26
C ASN A 69 6.32 4.59 8.47
N VAL A 70 5.00 4.64 8.33
CA VAL A 70 4.33 3.74 7.40
C VAL A 70 4.11 4.50 6.11
N ALA A 71 4.85 4.13 5.07
CA ALA A 71 4.86 4.88 3.83
C ALA A 71 4.04 4.17 2.77
N SER A 72 3.38 4.95 1.93
CA SER A 72 2.78 4.43 0.71
C SER A 72 3.77 4.53 -0.48
N PHE A 73 3.37 4.04 -1.64
CA PHE A 73 4.20 4.17 -2.84
C PHE A 73 4.49 5.63 -3.20
N GLY A 74 3.60 6.53 -2.77
CA GLY A 74 3.81 7.95 -2.93
C GLY A 74 5.07 8.41 -2.21
N GLY A 75 5.42 7.70 -1.14
CA GLY A 75 6.61 8.05 -0.38
C GLY A 75 7.78 7.21 -0.82
N GLU A 77 8.37 5.87 -3.77
CA GLU A 77 8.87 6.18 -5.11
C GLU A 77 9.97 7.25 -5.08
N THR A 78 10.05 8.02 -4.00
CA THR A 78 10.99 9.15 -3.97
C THR A 78 12.45 8.72 -3.84
N VAL A 79 12.69 7.59 -3.16
CA VAL A 79 14.04 7.10 -2.94
C VAL A 79 14.26 5.66 -3.43
N PHE A 80 13.18 4.96 -3.80
CA PHE A 80 13.29 3.55 -4.12
C PHE A 80 12.19 3.11 -5.12
N PRO A 81 12.27 3.60 -6.35
CA PRO A 81 11.24 3.20 -7.33
C PRO A 81 11.37 1.73 -7.75
N GLU A 82 12.43 1.05 -7.33
CA GLU A 82 12.61 -0.36 -7.62
C GLU A 82 11.49 -1.19 -7.00
N PHE A 84 8.51 -0.61 -7.13
CA PHE A 84 7.45 -0.72 -8.14
C PHE A 84 7.46 -2.07 -8.87
N ALA A 85 8.62 -2.71 -8.95
CA ALA A 85 8.69 -4.04 -9.57
C ALA A 85 7.77 -5.07 -8.88
N THR A 86 7.40 -4.82 -7.62
CA THR A 86 6.54 -5.75 -6.86
C THR A 86 5.06 -5.45 -7.03
N ASN A 87 4.75 -4.51 -7.91
CA ASN A 87 3.46 -3.84 -7.95
C ASN A 87 2.84 -3.92 -9.35
N VAL A 88 3.34 -4.85 -10.16
CA VAL A 88 2.80 -5.05 -11.50
C VAL A 88 1.36 -5.55 -11.39
N PRO A 89 0.45 -4.93 -12.16
CA PRO A 89 -0.94 -5.38 -12.22
C PRO A 89 -1.05 -6.88 -12.39
N PHE A 90 -1.86 -7.54 -11.55
CA PHE A 90 -2.13 -8.98 -11.66
C PHE A 90 -0.97 -9.92 -11.35
N PHE A 92 0.03 -11.11 -8.44
CA PHE A 92 -0.31 -12.17 -7.48
C PHE A 92 -1.73 -12.67 -7.63
N GLU A 93 -1.88 -13.99 -7.63
CA GLU A 93 -3.15 -14.64 -7.86
C GLU A 93 -3.97 -14.80 -6.57
N SER A 94 -3.39 -14.41 -5.45
CA SER A 94 -4.04 -14.63 -4.15
C SER A 94 -3.30 -13.92 -3.03
N TYR A 95 -3.98 -13.75 -1.91
CA TYR A 95 -3.35 -13.18 -0.72
C TYR A 95 -2.19 -14.06 -0.25
N ALA A 96 -2.35 -15.36 -0.36
CA ALA A 96 -1.28 -16.27 0.03
C ALA A 96 -0.03 -16.12 -0.84
N ALA A 97 -0.20 -15.95 -2.15
CA ALA A 97 0.94 -15.77 -3.03
C ALA A 97 1.72 -14.51 -2.65
N ALA A 98 1.01 -13.40 -2.48
CA ALA A 98 1.64 -12.16 -2.08
C ALA A 98 2.34 -12.26 -0.72
N HIS A 99 1.74 -12.96 0.23
CA HIS A 99 2.38 -13.12 1.54
C HIS A 99 3.68 -13.86 1.34
N GLU A 100 3.63 -14.90 0.52
CA GLU A 100 4.79 -15.74 0.25
C GLU A 100 5.93 -14.95 -0.39
N PHE A 101 5.58 -14.11 -1.37
CA PHE A 101 6.54 -13.24 -2.01
C PHE A 101 7.11 -12.21 -1.04
N PHE A 102 6.25 -11.50 -0.30
CA PHE A 102 6.69 -10.38 0.52
C PHE A 102 7.43 -10.80 1.79
N ASP A 103 7.17 -12.04 2.22
CA ASP A 103 7.84 -12.59 3.40
C ASP A 103 9.13 -13.37 3.05
N ASN A 104 9.12 -14.12 1.94
CA ASN A 104 10.18 -15.10 1.74
C ASN A 104 11.09 -14.92 0.52
N SER A 105 10.62 -14.22 -0.51
CA SER A 105 11.35 -14.13 -1.75
C SER A 105 12.73 -13.50 -1.62
N SER A 106 13.66 -13.93 -2.47
CA SER A 106 15.00 -13.36 -2.48
C SER A 106 14.98 -11.94 -3.05
N PHE A 107 13.95 -11.59 -3.81
CA PHE A 107 13.77 -10.22 -4.25
C PHE A 107 13.74 -9.29 -3.04
N ASP A 109 14.75 -9.78 0.08
CA ASP A 109 16.07 -9.71 0.69
C ASP A 109 16.93 -8.71 -0.07
N LYS A 110 16.98 -8.86 -1.38
CA LYS A 110 17.82 -7.99 -2.19
C LYS A 110 17.32 -6.55 -2.16
N ALA A 111 16.01 -6.34 -2.30
CA ALA A 111 15.44 -4.99 -2.26
C ALA A 111 15.69 -4.35 -0.92
N GLY A 112 15.55 -5.14 0.15
CA GLY A 112 15.77 -4.67 1.51
C GLY A 112 17.19 -4.18 1.77
N LYS A 113 18.19 -4.95 1.34
CA LYS A 113 19.58 -4.55 1.53
C LYS A 113 19.90 -3.25 0.78
N GLU A 114 19.46 -3.21 -0.47
CA GLU A 114 19.63 -2.04 -1.33
C GLU A 114 19.00 -0.78 -0.75
N LEU A 115 17.77 -0.87 -0.26
CA LEU A 115 17.08 0.28 0.30
C LEU A 115 17.84 0.82 1.51
N ARG A 116 18.31 -0.10 2.34
CA ARG A 116 19.04 0.22 3.56
C ARG A 116 20.36 0.94 3.27
N SER A 117 21.14 0.39 2.35
CA SER A 117 22.44 1.00 2.04
C SER A 117 22.29 2.30 1.29
N ARG A 118 21.20 2.43 0.52
CA ARG A 118 20.99 3.63 -0.26
C ARG A 118 20.44 4.76 0.59
N THR A 119 19.49 4.43 1.46
CA THR A 119 18.73 5.49 2.14
C THR A 119 18.93 5.58 3.64
N GLY A 120 19.52 4.57 4.25
CA GLY A 120 19.59 4.51 5.70
C GLY A 120 18.27 4.13 6.37
N ILE A 121 17.33 3.63 5.59
CA ILE A 121 16.05 3.15 6.13
C ILE A 121 16.03 1.63 6.15
N GLU A 122 15.49 1.06 7.22
CA GLU A 122 15.27 -0.38 7.26
C GLU A 122 13.80 -0.71 7.01
N LEU A 123 13.55 -1.64 6.11
CA LEU A 123 12.20 -2.13 5.89
C LEU A 123 11.87 -3.25 6.89
N LEU A 124 10.82 -3.06 7.69
CA LEU A 124 10.45 -4.05 8.71
C LEU A 124 9.33 -4.98 8.27
N ALA A 125 8.40 -4.48 7.48
CA ALA A 125 7.26 -5.27 7.03
C ALA A 125 6.58 -4.62 5.85
N VAL A 126 6.07 -5.44 4.93
CA VAL A 126 5.19 -5.00 3.88
C VAL A 126 3.77 -5.16 4.43
N VAL A 127 3.13 -4.06 4.79
CA VAL A 127 1.86 -4.08 5.51
C VAL A 127 0.68 -4.17 4.57
N GLU A 128 -0.08 -5.26 4.66
CA GLU A 128 -1.32 -5.36 3.91
C GLU A 128 -2.38 -4.53 4.62
N GLU A 129 -3.00 -3.60 3.91
CA GLU A 129 -3.93 -2.68 4.56
C GLU A 129 -5.18 -2.41 3.72
N GLY A 130 -5.52 -3.37 2.88
CA GLY A 130 -6.73 -3.32 2.09
C GLY A 130 -6.73 -4.58 1.23
N GLY A 131 -7.86 -4.93 0.64
CA GLY A 131 -7.89 -6.01 -0.33
C GLY A 131 -7.32 -5.52 -1.65
N PHE A 132 -7.47 -6.32 -2.70
CA PHE A 132 -6.96 -5.93 -4.01
C PHE A 132 -7.63 -4.64 -4.49
N ILE A 133 -6.83 -3.77 -5.10
CA ILE A 133 -7.24 -2.42 -5.44
C ILE A 133 -8.40 -2.39 -6.45
N ALA A 134 -9.36 -1.50 -6.20
CA ALA A 134 -10.53 -1.31 -7.06
C ALA A 134 -10.51 0.12 -7.62
N PHE A 135 -11.33 0.37 -8.64
CA PHE A 135 -11.46 1.71 -9.20
C PHE A 135 -12.75 2.32 -8.70
N THR A 136 -12.74 3.63 -8.47
CA THR A 136 -13.98 4.38 -8.24
C THR A 136 -14.12 5.50 -9.30
N SER A 137 -15.33 6.03 -9.43
CA SER A 137 -15.65 7.02 -10.46
C SER A 137 -17.11 7.43 -10.35
N LYS A 138 -17.48 8.46 -11.10
CA LYS A 138 -18.87 8.92 -11.19
C LYS A 138 -19.63 8.20 -12.31
N LYS A 139 -18.87 7.59 -13.22
CA LYS A 139 -19.43 6.88 -14.37
C LYS A 139 -18.99 5.42 -14.32
N PRO A 140 -19.78 4.50 -14.84
CA PRO A 140 -19.38 3.11 -14.86
C PRO A 140 -18.10 2.80 -15.64
N VAL A 141 -17.31 1.92 -15.10
CA VAL A 141 -16.07 1.55 -15.65
C VAL A 141 -16.11 0.05 -15.71
N ARG A 142 -15.95 -0.53 -16.88
CA ARG A 142 -16.11 -1.96 -17.02
C ARG A 142 -14.92 -2.58 -17.65
N SER A 143 -14.19 -1.78 -18.37
CA SER A 143 -13.06 -2.24 -19.17
C SER A 143 -12.18 -1.03 -19.36
N PRO A 144 -10.91 -1.26 -19.76
CA PRO A 144 -10.01 -0.15 -20.08
C PRO A 144 -10.63 0.84 -21.07
N ALA A 145 -11.40 0.34 -22.04
CA ALA A 145 -12.09 1.19 -23.01
C ALA A 145 -12.75 2.41 -22.37
N ASP A 146 -13.43 2.18 -21.24
CA ASP A 146 -14.18 3.22 -20.54
C ASP A 146 -13.34 4.35 -19.93
N PHE A 147 -12.02 4.14 -19.83
CA PHE A 147 -11.11 5.14 -19.27
C PHE A 147 -10.84 6.29 -20.24
N LYS A 148 -11.06 6.05 -21.55
CA LYS A 148 -10.81 7.10 -22.55
C LYS A 148 -11.47 8.44 -22.21
N GLY A 149 -10.64 9.45 -22.05
CA GLY A 149 -11.13 10.80 -21.84
C GLY A 149 -11.27 11.20 -20.38
N LYS A 151 -10.45 11.78 -16.21
CA LYS A 151 -9.42 12.28 -15.32
C LYS A 151 -9.33 11.43 -14.04
N PHE A 152 -8.19 10.77 -13.82
CA PHE A 152 -8.06 9.98 -12.61
C PHE A 152 -7.00 10.54 -11.67
N ARG A 153 -7.28 10.48 -10.38
CA ARG A 153 -6.27 10.81 -9.39
C ARG A 153 -5.25 9.68 -9.28
N ALA A 154 -3.98 10.06 -9.20
CA ALA A 154 -2.92 9.09 -9.01
C ALA A 154 -2.27 9.30 -7.65
N ASP A 156 0.79 7.76 -7.23
CA ASP A 156 2.19 7.74 -7.64
C ASP A 156 2.33 7.72 -9.16
N ALA A 157 3.57 7.86 -9.64
CA ALA A 157 3.87 7.95 -11.05
C ALA A 157 3.55 6.66 -11.83
N SER A 158 3.59 5.52 -11.14
CA SER A 158 3.18 4.26 -11.76
C SER A 158 1.67 4.25 -12.02
N GLN A 159 0.89 4.87 -11.13
CA GLN A 159 -0.54 4.97 -11.38
C GLN A 159 -0.80 5.88 -12.58
N VAL A 160 -0.07 7.01 -12.64
CA VAL A 160 -0.17 7.89 -13.79
C VAL A 160 0.05 7.08 -15.08
N ALA A 161 1.11 6.28 -15.10
CA ALA A 161 1.43 5.49 -16.29
C ALA A 161 0.31 4.54 -16.69
N TYR A 163 -3.07 4.75 -15.99
CA TYR A 163 -4.17 5.56 -16.51
C TYR A 163 -3.96 5.88 -17.99
N GLU A 164 -2.81 6.48 -18.29
CA GLU A 164 -2.43 6.81 -19.66
C GLU A 164 -2.52 5.64 -20.63
N ALA A 165 -2.10 4.46 -20.21
CA ALA A 165 -2.14 3.28 -21.07
C ALA A 165 -3.57 2.90 -21.39
N PHE A 166 -4.50 3.32 -20.52
CA PHE A 166 -5.92 3.03 -20.67
C PHE A 166 -6.63 4.20 -21.36
N GLY A 167 -5.88 5.26 -21.64
CA GLY A 167 -6.42 6.41 -22.34
C GLY A 167 -6.92 7.54 -21.48
N ALA A 168 -6.66 7.46 -20.18
CA ALA A 168 -7.08 8.51 -19.26
C ALA A 168 -5.87 9.33 -18.86
N SER A 169 -6.09 10.45 -18.18
CA SER A 169 -4.98 11.26 -17.70
C SER A 169 -4.77 10.95 -16.22
N GLY A 170 -3.54 11.12 -15.75
CA GLY A 170 -3.24 10.88 -14.37
C GLY A 170 -2.72 12.12 -13.71
N THR A 171 -3.17 12.38 -12.48
CA THR A 171 -2.71 13.55 -11.74
C THR A 171 -2.38 13.18 -10.31
N PRO A 172 -1.11 13.35 -9.90
CA PRO A 172 -0.73 13.04 -8.52
C PRO A 172 -1.42 13.98 -7.55
N ILE A 173 -2.27 13.43 -6.68
CA ILE A 173 -2.85 14.22 -5.60
C ILE A 173 -2.57 13.51 -4.28
N PRO A 174 -2.04 14.24 -3.30
CA PRO A 174 -1.79 13.70 -1.95
C PRO A 174 -3.07 13.06 -1.40
N TRP A 175 -2.91 12.00 -0.62
CA TRP A 175 -4.06 11.25 -0.14
C TRP A 175 -5.02 12.14 0.64
N THR A 176 -4.49 13.04 1.47
CA THR A 176 -5.35 13.85 2.32
C THR A 176 -6.18 14.87 1.55
N GLU A 177 -5.95 14.99 0.24
CA GLU A 177 -6.69 15.94 -0.57
C GLU A 177 -7.54 15.30 -1.69
N VAL A 178 -7.72 13.99 -1.63
CA VAL A 178 -8.42 13.26 -2.68
C VAL A 178 -9.90 13.60 -2.78
N TYR A 179 -10.55 13.75 -1.64
CA TYR A 179 -11.97 14.08 -1.60
C TYR A 179 -12.17 15.43 -2.29
N LEU A 180 -11.42 16.43 -1.84
CA LEU A 180 -11.42 17.75 -2.46
C LEU A 180 -11.29 17.67 -3.98
N ALA A 181 -10.25 16.98 -4.45
CA ALA A 181 -9.98 16.86 -5.88
C ALA A 181 -11.14 16.24 -6.63
N LEU A 182 -11.79 15.24 -6.04
CA LEU A 182 -12.86 14.53 -6.72
C LEU A 182 -14.17 15.31 -6.78
N LYS A 183 -14.36 16.22 -5.83
CA LYS A 183 -15.60 16.99 -5.76
C LYS A 183 -15.46 18.21 -6.66
N THR A 184 -14.35 18.93 -6.48
CA THR A 184 -14.07 20.10 -7.30
C THR A 184 -13.55 19.74 -8.70
N GLY A 185 -14.00 18.60 -9.24
CA GLY A 185 -13.77 18.25 -10.65
C GLY A 185 -12.38 17.92 -11.17
N VAL A 186 -11.33 18.28 -10.43
CA VAL A 186 -9.94 17.99 -10.79
C VAL A 186 -9.71 16.52 -11.18
N ALA A 187 -10.52 15.65 -10.61
CA ALA A 187 -10.41 14.22 -10.88
C ALA A 187 -11.81 13.60 -10.95
N ASP A 188 -11.98 12.55 -11.74
CA ASP A 188 -13.27 11.91 -11.88
C ASP A 188 -13.29 10.62 -11.08
N GLY A 189 -12.11 10.01 -10.95
CA GLY A 189 -11.96 8.71 -10.31
C GLY A 189 -10.62 8.55 -9.62
N GLN A 190 -10.43 7.42 -8.97
CA GLN A 190 -9.18 7.12 -8.31
C GLN A 190 -9.17 5.62 -8.07
N ASN A 192 -8.18 2.45 -5.15
CA ASN A 192 -7.85 2.09 -3.79
C ASN A 192 -8.63 0.85 -3.42
N PRO A 193 -8.14 0.13 -2.41
CA PRO A 193 -8.99 -0.88 -1.79
C PRO A 193 -10.15 -0.20 -1.06
N PRO A 194 -11.24 -0.94 -0.83
CA PRO A 194 -12.38 -0.43 -0.06
C PRO A 194 -12.04 0.21 1.30
N THR A 195 -11.04 -0.29 2.03
CA THR A 195 -10.65 0.34 3.29
C THR A 195 -10.50 1.86 3.13
N TYR A 196 -9.64 2.30 2.20
CA TYR A 196 -9.42 3.73 1.99
C TYR A 196 -10.62 4.45 1.40
N ILE A 197 -11.41 3.76 0.58
CA ILE A 197 -12.62 4.38 0.06
C ILE A 197 -13.59 4.70 1.21
N ILE A 198 -13.68 3.83 2.21
CA ILE A 198 -14.41 4.03 3.42
C ILE A 198 -13.82 5.12 4.34
N ILE A 199 -12.54 5.07 4.65
CA ILE A 199 -11.96 6.00 5.60
C ILE A 199 -11.91 7.43 5.13
N GLY A 200 -11.85 7.60 3.83
CA GLY A 200 -11.89 8.87 3.21
C GLY A 200 -13.26 9.31 2.84
N SER A 201 -14.25 8.54 3.23
CA SER A 201 -15.65 8.81 2.92
C SER A 201 -15.83 9.18 1.43
N LEU A 202 -15.13 8.45 0.56
CA LEU A 202 -15.14 8.76 -0.87
C LEU A 202 -16.46 8.40 -1.52
N TYR A 203 -17.26 7.58 -0.86
CA TYR A 203 -18.57 7.19 -1.38
C TYR A 203 -19.51 8.40 -1.52
N GLU A 204 -19.19 9.49 -0.82
CA GLU A 204 -19.91 10.74 -0.94
C GLU A 204 -19.66 11.48 -2.27
N VAL A 205 -18.53 11.21 -2.92
CA VAL A 205 -18.17 11.93 -4.13
C VAL A 205 -17.84 10.98 -5.29
N GLN A 206 -18.14 9.70 -5.09
CA GLN A 206 -17.98 8.67 -6.10
C GLN A 206 -19.15 7.72 -5.94
N ASP A 207 -19.76 7.29 -7.03
CA ASP A 207 -20.89 6.37 -6.92
C ASP A 207 -20.77 5.11 -7.77
N HIS A 208 -19.60 4.90 -8.38
CA HIS A 208 -19.32 3.64 -9.08
C HIS A 208 -18.05 2.97 -8.57
N LEU A 209 -18.16 1.68 -8.28
CA LEU A 209 -17.04 0.91 -7.76
C LEU A 209 -16.80 -0.29 -8.66
N THR A 210 -15.58 -0.42 -9.19
CA THR A 210 -15.23 -1.54 -10.05
C THR A 210 -14.26 -2.48 -9.36
N LEU A 211 -14.71 -3.69 -9.07
CA LEU A 211 -13.87 -4.66 -8.38
C LEU A 211 -12.94 -5.42 -9.33
N ALA A 212 -11.98 -4.68 -9.88
CA ALA A 212 -11.03 -5.21 -10.85
C ALA A 212 -9.92 -6.05 -10.22
N ASN A 213 -9.72 -5.88 -8.90
CA ASN A 213 -8.64 -6.57 -8.17
C ASN A 213 -7.28 -6.42 -8.87
N VAL A 214 -6.98 -5.20 -9.28
CA VAL A 214 -5.89 -4.95 -10.21
C VAL A 214 -4.49 -5.06 -9.56
N GLN A 215 -4.40 -4.72 -8.28
CA GLN A 215 -3.11 -4.74 -7.59
C GLN A 215 -3.30 -5.14 -6.13
N TYR A 216 -2.27 -5.74 -5.57
CA TYR A 216 -2.18 -6.01 -4.16
C TYR A 216 -1.99 -4.68 -3.45
N SER A 217 -2.78 -4.44 -2.40
CA SER A 217 -2.71 -3.21 -1.65
C SER A 217 -1.78 -3.41 -0.46
N ASP A 218 -0.78 -2.54 -0.35
CA ASP A 218 0.18 -2.63 0.73
C ASP A 218 0.80 -1.27 1.02
N GLN A 219 1.45 -1.18 2.17
CA GLN A 219 2.25 -0.02 2.54
C GLN A 219 3.48 -0.57 3.24
N PHE A 220 4.38 0.31 3.67
CA PHE A 220 5.70 -0.13 4.07
C PHE A 220 6.17 0.39 5.42
N LEU A 221 6.39 -0.54 6.34
CA LEU A 221 6.83 -0.19 7.66
C LEU A 221 8.30 0.13 7.60
N LEU A 222 8.63 1.40 7.81
CA LEU A 222 10.02 1.87 7.77
C LEU A 222 10.55 2.33 9.13
N ILE A 223 11.77 1.95 9.43
CA ILE A 223 12.44 2.48 10.60
C ILE A 223 13.81 3.01 10.25
N ASN A 224 14.16 4.15 10.83
CA ASN A 224 15.49 4.71 10.71
C ASN A 224 16.49 3.67 11.16
N GLY A 225 17.44 3.36 10.27
CA GLY A 225 18.35 2.25 10.48
C GLY A 225 19.38 2.57 11.54
N GLU A 226 19.74 3.84 11.66
CA GLU A 226 20.71 4.22 12.65
C GLU A 226 20.13 4.00 14.04
N LEU A 227 18.87 4.38 14.23
CA LEU A 227 18.12 4.07 15.44
C LEU A 227 18.12 2.57 15.73
N LEU A 228 17.59 1.79 14.79
CA LEU A 228 17.43 0.37 14.96
C LEU A 228 18.75 -0.29 15.35
N ASP A 229 19.83 0.11 14.69
CA ASP A 229 21.14 -0.52 14.94
C ASP A 229 21.74 -0.12 16.29
N SER A 230 21.38 1.06 16.77
CA SER A 230 21.82 1.56 18.08
C SER A 230 21.18 0.80 19.25
N LEU A 231 20.10 0.07 19.00
CA LEU A 231 19.45 -0.66 20.08
C LEU A 231 20.18 -1.98 20.35
N PRO A 232 20.17 -2.43 21.61
CA PRO A 232 20.73 -3.73 22.00
C PRO A 232 20.09 -4.84 21.18
N ASP A 233 20.79 -5.94 20.96
CA ASP A 233 20.26 -7.01 20.09
C ASP A 233 18.84 -7.51 20.43
N SER A 234 18.55 -7.73 21.70
CA SER A 234 17.24 -8.22 22.09
C SER A 234 16.13 -7.20 21.76
N GLN A 235 16.44 -5.91 21.81
CA GLN A 235 15.46 -4.90 21.42
C GLN A 235 15.24 -4.82 19.90
N ARG A 236 16.26 -5.17 19.12
CA ARG A 236 16.13 -5.18 17.68
C ARG A 236 15.24 -6.33 17.24
N GLN A 237 15.42 -7.48 17.88
CA GLN A 237 14.64 -8.66 17.51
C GLN A 237 13.18 -8.48 17.89
N VAL A 238 12.93 -7.73 18.96
CA VAL A 238 11.57 -7.47 19.41
C VAL A 238 10.82 -6.71 18.35
N ILE A 239 11.40 -5.59 17.91
CA ILE A 239 10.85 -4.76 16.86
C ILE A 239 10.59 -5.56 15.59
N ARG A 240 11.55 -6.38 15.19
CA ARG A 240 11.37 -7.22 14.02
C ARG A 240 10.29 -8.27 14.20
N LYS A 241 10.31 -8.99 15.32
CA LYS A 241 9.31 -10.01 15.56
C LYS A 241 7.91 -9.36 15.67
N ALA A 242 7.80 -8.29 16.46
CA ALA A 242 6.55 -7.55 16.58
C ALA A 242 6.01 -7.02 15.24
N ALA A 243 6.90 -6.60 14.35
CA ALA A 243 6.48 -6.16 13.03
C ALA A 243 5.83 -7.32 12.26
N HIS A 244 6.42 -8.50 12.33
CA HIS A 244 5.85 -9.62 11.61
C HIS A 244 4.54 -10.08 12.25
N GLU A 245 4.53 -10.21 13.58
CA GLU A 245 3.32 -10.57 14.31
C GLU A 245 2.12 -9.62 14.10
N ALA A 246 2.38 -8.32 14.06
CA ALA A 246 1.29 -7.37 13.82
C ALA A 246 0.81 -7.50 12.36
N ASN A 247 1.75 -7.84 11.48
CA ASN A 247 1.39 -8.02 10.09
C ASN A 247 0.46 -9.23 9.89
N VAL A 248 0.77 -10.36 10.52
CA VAL A 248 -0.07 -11.52 10.30
C VAL A 248 -1.46 -11.30 10.86
N LYS A 249 -1.57 -10.51 11.93
CA LYS A 249 -2.88 -10.19 12.49
C LYS A 249 -3.66 -9.16 11.66
N THR A 250 -2.95 -8.20 11.07
CA THR A 250 -3.60 -7.19 10.25
C THR A 250 -4.08 -7.79 8.92
N ARG A 251 -3.34 -8.77 8.41
CA ARG A 251 -3.77 -9.57 7.27
C ARG A 251 -5.12 -10.26 7.49
N GLN A 252 -5.33 -10.85 8.67
CA GLN A 252 -6.65 -11.39 9.05
C GLN A 252 -7.72 -10.29 9.13
N PHE A 253 -7.37 -9.16 9.74
CA PHE A 253 -8.26 -7.98 9.81
C PHE A 253 -8.69 -7.55 8.41
N VAL A 254 -7.74 -7.38 7.50
CA VAL A 254 -8.09 -7.03 6.13
C VAL A 254 -8.93 -8.10 5.41
N GLU A 255 -8.41 -9.32 5.29
CA GLU A 255 -9.00 -10.31 4.40
C GLU A 255 -10.40 -10.79 4.80
N SER A 256 -10.64 -10.90 6.10
CA SER A 256 -11.90 -11.44 6.59
C SER A 256 -13.07 -10.46 6.50
N GLN A 257 -12.79 -9.20 6.17
CA GLN A 257 -13.83 -8.18 6.15
C GLN A 257 -14.01 -7.55 4.77
N VAL A 258 -13.37 -8.14 3.77
CA VAL A 258 -13.38 -7.54 2.42
C VAL A 258 -14.77 -7.52 1.77
N ASP A 259 -15.52 -8.60 1.95
CA ASP A 259 -16.90 -8.66 1.45
C ASP A 259 -17.83 -7.69 2.18
N GLU A 260 -17.69 -7.60 3.49
CA GLU A 260 -18.56 -6.70 4.24
C GLU A 260 -18.23 -5.22 3.96
N ARG A 261 -16.99 -4.92 3.63
CA ARG A 261 -16.64 -3.55 3.21
C ARG A 261 -17.26 -3.15 1.87
N VAL A 262 -17.40 -4.10 0.97
CA VAL A 262 -18.03 -3.80 -0.32
C VAL A 262 -19.53 -3.63 -0.12
N LYS A 263 -20.09 -4.47 0.75
CA LYS A 263 -21.48 -4.41 1.16
C LYS A 263 -21.77 -3.03 1.76
N PHE A 264 -20.88 -2.57 2.62
CA PHE A 264 -20.99 -1.26 3.23
C PHE A 264 -21.02 -0.17 2.16
N LEU A 265 -20.09 -0.21 1.22
CA LEU A 265 -20.05 0.80 0.17
C LEU A 265 -21.35 0.81 -0.64
N ALA A 266 -21.90 -0.38 -0.90
CA ALA A 266 -23.19 -0.46 -1.60
C ALA A 266 -24.29 0.29 -0.81
N SER A 267 -24.38 0.05 0.48
CA SER A 267 -25.39 0.72 1.28
C SER A 267 -25.19 2.24 1.38
N LYS A 268 -24.07 2.75 0.90
CA LYS A 268 -23.90 4.20 0.80
C LYS A 268 -24.12 4.69 -0.63
N GLY A 269 -24.88 3.92 -1.42
CA GLY A 269 -25.28 4.34 -2.75
C GLY A 269 -24.35 3.92 -3.89
N THR A 271 -22.75 1.95 -6.75
CA THR A 271 -23.04 0.89 -7.70
C THR A 271 -21.79 0.07 -7.93
N VAL A 272 -21.86 -1.19 -7.51
CA VAL A 272 -20.74 -2.11 -7.52
C VAL A 272 -20.75 -3.01 -8.76
N TYR A 273 -19.61 -3.10 -9.43
CA TYR A 273 -19.49 -3.85 -10.68
C TYR A 273 -18.26 -4.74 -10.70
N THR A 274 -18.48 -6.04 -10.93
CA THR A 274 -17.40 -6.99 -11.08
C THR A 274 -17.17 -7.33 -12.56
N PRO A 275 -16.01 -6.94 -13.11
CA PRO A 275 -15.70 -7.20 -14.52
C PRO A 275 -15.81 -8.66 -14.91
N THR A 276 -16.27 -8.91 -16.14
CA THR A 276 -16.31 -10.27 -16.67
C THR A 276 -14.88 -10.75 -16.87
N ALA A 277 -14.70 -12.08 -16.93
CA ALA A 277 -13.41 -12.67 -17.28
C ALA A 277 -12.75 -12.00 -18.48
N GLU A 278 -13.50 -11.76 -19.55
CA GLU A 278 -12.96 -11.11 -20.74
C GLU A 278 -12.53 -9.67 -20.49
N GLU A 279 -13.24 -8.96 -19.65
CA GLU A 279 -12.91 -7.60 -19.33
C GLU A 279 -11.66 -7.50 -18.45
N LEU A 280 -11.49 -8.43 -17.53
CA LEU A 280 -10.30 -8.59 -16.73
C LEU A 280 -9.11 -8.87 -17.57
N ALA A 281 -9.28 -9.73 -18.55
CA ALA A 281 -8.17 -10.15 -19.33
C ALA A 281 -7.71 -9.02 -20.18
N GLN A 282 -8.60 -8.12 -20.46
CA GLN A 282 -8.29 -6.87 -21.15
C GLN A 282 -7.55 -5.91 -20.24
N PHE A 283 -8.03 -5.76 -19.01
CA PHE A 283 -7.34 -4.96 -17.99
C PHE A 283 -5.88 -5.39 -17.85
N LYS A 284 -5.63 -6.70 -17.92
CA LYS A 284 -4.30 -7.28 -17.75
C LYS A 284 -3.40 -7.16 -18.98
N GLU A 285 -3.91 -7.48 -20.16
CA GLU A 285 -3.07 -7.54 -21.35
C GLU A 285 -2.66 -6.13 -21.78
N LEU A 286 -3.46 -5.16 -21.36
CA LEU A 286 -3.15 -3.76 -21.62
C LEU A 286 -2.48 -3.08 -20.42
N GLY A 287 -2.72 -3.60 -19.22
CA GLY A 287 -2.20 -2.99 -18.01
C GLY A 287 -0.83 -3.45 -17.56
N SER A 288 -0.58 -4.75 -17.63
CA SER A 288 0.70 -5.27 -17.17
C SER A 288 1.85 -4.91 -18.11
N PRO A 289 1.70 -5.16 -19.42
CA PRO A 289 2.85 -4.82 -20.26
C PRO A 289 3.14 -3.31 -20.27
N SER A 290 2.13 -2.45 -20.27
CA SER A 290 2.39 -1.02 -20.26
C SER A 290 3.10 -0.60 -18.99
N TYR A 291 2.71 -1.21 -17.88
CA TYR A 291 3.28 -0.88 -16.59
C TYR A 291 4.77 -1.20 -16.59
N ILE A 292 5.11 -2.35 -17.13
CA ILE A 292 6.50 -2.83 -17.14
C ILE A 292 7.36 -2.01 -18.12
N LYS A 293 6.79 -1.64 -19.26
CA LYS A 293 7.46 -0.76 -20.21
C LYS A 293 7.74 0.63 -19.61
N TRP A 294 6.77 1.19 -18.90
CA TRP A 294 7.02 2.47 -18.26
C TRP A 294 8.15 2.31 -17.22
N LEU A 295 8.01 1.32 -16.33
CA LEU A 295 8.96 1.08 -15.25
C LEU A 295 10.38 0.80 -15.77
N SER A 296 10.49 0.14 -16.91
CA SER A 296 11.79 -0.10 -17.57
C SER A 296 12.57 1.18 -17.88
N GLY A 297 11.87 2.32 -17.93
CA GLY A 297 12.52 3.57 -18.24
C GLY A 297 12.96 4.34 -17.00
N GLN A 298 12.72 3.77 -15.82
CA GLN A 298 13.01 4.42 -14.54
C GLN A 298 14.08 3.69 -13.74
N ILE A 299 14.12 2.37 -13.87
CA ILE A 299 15.02 1.54 -13.09
C ILE A 299 15.66 0.50 -14.00
N ASP A 300 16.73 -0.13 -13.53
CA ASP A 300 17.35 -1.26 -14.21
C ASP A 300 16.37 -2.45 -14.31
N THR A 301 16.24 -3.03 -15.51
CA THR A 301 15.27 -4.10 -15.73
C THR A 301 15.55 -5.40 -14.97
N ALA A 302 16.76 -5.54 -14.45
CA ALA A 302 17.09 -6.73 -13.68
C ALA A 302 16.12 -6.89 -12.51
N TRP A 303 15.74 -5.76 -11.88
CA TRP A 303 14.75 -5.72 -10.81
C TRP A 303 13.40 -6.28 -11.24
N ILE A 304 12.94 -5.84 -12.42
CA ILE A 304 11.75 -6.40 -13.03
C ILE A 304 11.83 -7.93 -13.29
N ASP A 305 12.91 -8.40 -13.93
CA ASP A 305 13.09 -9.85 -14.17
C ASP A 305 13.05 -10.63 -12.86
N HIS A 306 13.76 -10.12 -11.87
CA HIS A 306 13.87 -10.80 -10.60
C HIS A 306 12.52 -10.83 -9.89
N ALA A 307 11.77 -9.74 -9.99
CA ALA A 307 10.46 -9.69 -9.33
C ALA A 307 9.44 -10.62 -9.99
N GLU A 309 10.05 -13.28 -11.59
CA GLU A 309 10.47 -14.61 -11.36
C GLU A 309 10.12 -15.11 -9.98
N ASP A 310 10.26 -14.25 -9.01
CA ASP A 310 9.95 -14.58 -7.66
C ASP A 310 8.45 -14.59 -7.42
N ALA A 311 7.73 -13.81 -8.18
CA ALA A 311 6.27 -13.81 -8.15
C ALA A 311 5.73 -15.12 -8.71
N ARG A 312 6.25 -15.54 -9.88
CA ARG A 312 5.89 -16.83 -10.48
C ARG A 312 6.12 -17.98 -9.51
N LYS A 313 7.26 -17.97 -8.83
CA LYS A 313 7.54 -18.97 -7.81
C LYS A 313 6.57 -18.91 -6.63
N ALA A 314 6.18 -17.70 -6.22
CA ALA A 314 5.24 -17.57 -5.09
C ALA A 314 3.85 -18.03 -5.48
N ASN A 315 3.42 -17.70 -6.70
CA ASN A 315 2.11 -18.10 -7.19
C ASN A 315 1.99 -19.61 -7.28
N GLU A 316 3.12 -20.24 -7.60
CA GLU A 316 3.16 -21.69 -7.76
C GLU A 316 3.39 -22.39 -6.44
N ALA A 317 4.14 -21.76 -5.55
CA ALA A 317 4.40 -22.35 -4.23
C ALA A 317 3.16 -22.49 -3.35
N VAL A 318 2.04 -21.89 -3.74
CA VAL A 318 0.88 -21.90 -2.85
C VAL A 318 -0.34 -22.51 -3.50
#